data_8WXU
#
_entry.id   8WXU
#
_cell.length_a   78.694
_cell.length_b   98.917
_cell.length_c   79.791
_cell.angle_alpha   90.00
_cell.angle_beta   90.00
_cell.angle_gamma   90.00
#
_symmetry.space_group_name_H-M   'C 2 2 21'
#
loop_
_entity.id
_entity.type
_entity.pdbx_description
1 polymer 'WD repeat-containing protein 5'
2 polymer MBD3C
3 water water
#
loop_
_entity_poly.entity_id
_entity_poly.type
_entity_poly.pdbx_seq_one_letter_code
_entity_poly.pdbx_strand_id
1 'polypeptide(L)'
;GSHMTQSKPTPVKPNYALKFTLAGHTKAVSSVKFSPNGEWLASSSADKLIKIWGAYDGKFEKTISGHKLGISDVAWSSDS
NLLVSASDDKTLKIWDVSSGKCLKTLKGHSNYVFCCNFNPQSNLIVSGSFDESVRIWDVKTGKCLKTLPAHSDPVSAVHF
NRDGSLIVSSSYDGLCRIWDTASGQCLKTLIDDDNPPVSFVKFSPNGKYILAATLDNTLKLWDYSKGKCLKTYTGHKNEK
YCIFANFSVTGGKWIVSGSEDNLVYIWNLQTKEIVQKLQGHTDVVISTACHPTENIIASAALENDKTIKLWKSDC
;
B
2 'polypeptide(L)' GAARSEGFSPQG D
#
# COMPACT_ATOMS: atom_id res chain seq x y z
N VAL A 12 4.97 2.01 26.93
CA VAL A 12 5.27 0.71 26.33
C VAL A 12 5.93 0.88 24.97
N LYS A 13 6.93 0.04 24.70
CA LYS A 13 7.69 0.06 23.46
C LYS A 13 7.74 -1.35 22.89
N PRO A 14 7.65 -1.50 21.57
CA PRO A 14 7.75 -2.83 20.96
C PRO A 14 9.20 -3.32 20.92
N ASN A 15 9.35 -4.61 20.63
CA ASN A 15 10.66 -5.24 20.59
C ASN A 15 10.75 -6.16 19.36
N TYR A 16 10.33 -5.64 18.21
CA TYR A 16 10.41 -6.41 16.97
C TYR A 16 11.84 -6.86 16.70
N ALA A 17 11.98 -8.13 16.36
CA ALA A 17 13.26 -8.73 16.01
C ALA A 17 13.12 -9.48 14.70
N LEU A 18 14.19 -9.51 13.92
CA LEU A 18 14.19 -10.21 12.65
C LEU A 18 14.10 -11.72 12.85
N LYS A 19 13.19 -12.37 12.15
CA LYS A 19 13.03 -13.81 12.22
C LYS A 19 13.36 -14.51 10.91
N PHE A 20 12.96 -13.94 9.78
CA PHE A 20 13.21 -14.54 8.48
C PHE A 20 13.53 -13.47 7.48
N THR A 21 14.32 -13.84 6.47
CA THR A 21 14.54 -13.01 5.29
C THR A 21 14.14 -13.82 4.07
N LEU A 22 13.31 -13.24 3.20
CA LEU A 22 12.74 -13.94 2.05
C LEU A 22 13.37 -13.40 0.77
N ALA A 23 14.24 -14.20 0.17
CA ALA A 23 14.81 -13.87 -1.12
C ALA A 23 14.10 -14.63 -2.24
N GLY A 24 14.19 -14.08 -3.45
CA GLY A 24 13.59 -14.71 -4.61
C GLY A 24 13.18 -13.75 -5.71
N HIS A 25 12.84 -12.52 -5.35
CA HIS A 25 12.58 -11.50 -6.37
C HIS A 25 13.89 -11.08 -7.02
N THR A 26 13.89 -10.99 -8.36
CA THR A 26 15.10 -10.69 -9.11
C THR A 26 15.26 -9.20 -9.41
N LYS A 27 14.30 -8.38 -9.01
CA LYS A 27 14.34 -6.92 -9.11
C LYS A 27 13.73 -6.36 -7.84
N ALA A 28 13.68 -5.04 -7.74
CA ALA A 28 13.21 -4.41 -6.51
C ALA A 28 11.81 -4.91 -6.15
N VAL A 29 11.57 -5.11 -4.85
CA VAL A 29 10.23 -5.39 -4.36
C VAL A 29 9.46 -4.08 -4.30
N SER A 30 8.18 -4.12 -4.65
CA SER A 30 7.32 -2.95 -4.67
C SER A 30 6.32 -2.91 -3.53
N SER A 31 5.71 -4.04 -3.17
CA SER A 31 4.76 -4.02 -2.06
C SER A 31 4.64 -5.41 -1.45
N VAL A 32 4.34 -5.43 -0.15
CA VAL A 32 4.01 -6.65 0.57
C VAL A 32 2.69 -6.45 1.31
N LYS A 33 1.84 -7.48 1.30
CA LYS A 33 0.55 -7.44 1.99
C LYS A 33 0.25 -8.79 2.63
N PHE A 34 -0.18 -8.78 3.88
CA PHE A 34 -0.68 -10.00 4.51
C PHE A 34 -2.13 -10.25 4.10
N SER A 35 -2.47 -11.52 3.88
CA SER A 35 -3.85 -11.85 3.62
C SER A 35 -4.70 -11.60 4.87
N PRO A 36 -5.98 -11.27 4.68
CA PRO A 36 -6.84 -11.04 5.86
C PRO A 36 -6.90 -12.23 6.81
N ASN A 37 -6.81 -13.46 6.30
CA ASN A 37 -6.81 -14.59 7.22
C ASN A 37 -5.46 -14.82 7.89
N GLY A 38 -4.45 -14.03 7.55
CA GLY A 38 -3.17 -14.13 8.23
C GLY A 38 -2.34 -15.36 7.88
N GLU A 39 -2.75 -16.14 6.88
CA GLU A 39 -1.96 -17.29 6.45
C GLU A 39 -0.78 -16.89 5.56
N TRP A 40 -0.93 -15.85 4.76
CA TRP A 40 -0.04 -15.61 3.63
C TRP A 40 0.48 -14.19 3.60
N LEU A 41 1.63 -14.05 2.92
CA LEU A 41 2.17 -12.76 2.51
C LEU A 41 2.27 -12.76 0.99
N ALA A 42 1.67 -11.76 0.37
CA ALA A 42 1.85 -11.52 -1.06
C ALA A 42 2.83 -10.38 -1.26
N SER A 43 3.74 -10.57 -2.20
CA SER A 43 4.69 -9.54 -2.58
C SER A 43 4.62 -9.34 -4.08
N SER A 44 4.93 -8.12 -4.51
CA SER A 44 4.98 -7.77 -5.93
C SER A 44 6.32 -7.12 -6.21
N SER A 45 6.71 -7.07 -7.48
CA SER A 45 8.06 -6.61 -7.78
C SER A 45 8.15 -6.02 -9.19
N ALA A 46 9.21 -5.23 -9.39
CA ALA A 46 9.55 -4.75 -10.72
C ALA A 46 9.93 -5.88 -11.65
N ASP A 47 10.17 -7.07 -11.13
CA ASP A 47 10.52 -8.24 -11.95
C ASP A 47 9.30 -8.88 -12.61
N LYS A 48 8.12 -8.26 -12.51
CA LYS A 48 6.87 -8.68 -13.16
C LYS A 48 6.16 -9.79 -12.40
N LEU A 49 6.59 -10.14 -11.20
CA LEU A 49 6.08 -11.33 -10.52
C LEU A 49 5.39 -10.97 -9.21
N ILE A 50 4.36 -11.74 -8.89
CA ILE A 50 3.78 -11.79 -7.54
C ILE A 50 4.29 -13.07 -6.89
N LYS A 51 4.68 -12.98 -5.62
CA LYS A 51 5.11 -14.16 -4.89
C LYS A 51 4.29 -14.32 -3.61
N ILE A 52 4.00 -15.57 -3.28
CA ILE A 52 3.21 -15.93 -2.11
C ILE A 52 4.11 -16.71 -1.17
N TRP A 53 4.14 -16.27 0.10
CA TRP A 53 4.99 -16.80 1.15
C TRP A 53 4.15 -17.09 2.38
N GLY A 54 4.63 -18.01 3.22
CA GLY A 54 3.96 -18.28 4.47
C GLY A 54 4.13 -17.12 5.44
N ALA A 55 3.02 -16.66 6.03
CA ALA A 55 3.07 -15.49 6.91
C ALA A 55 3.80 -15.77 8.22
N TYR A 56 3.88 -17.02 8.64
CA TYR A 56 4.48 -17.33 9.93
C TYR A 56 5.89 -17.91 9.83
N ASP A 57 6.20 -18.69 8.78
CA ASP A 57 7.53 -19.22 8.59
C ASP A 57 8.32 -18.54 7.48
N GLY A 58 7.64 -17.83 6.58
CA GLY A 58 8.33 -17.25 5.44
C GLY A 58 8.66 -18.22 4.33
N LYS A 59 8.20 -19.47 4.43
CA LYS A 59 8.49 -20.46 3.41
C LYS A 59 7.80 -20.10 2.10
N PHE A 60 8.58 -20.08 1.02
CA PHE A 60 8.04 -19.72 -0.29
C PHE A 60 6.92 -20.67 -0.69
N GLU A 61 5.76 -20.10 -1.06
CA GLU A 61 4.63 -20.89 -1.54
C GLU A 61 4.62 -20.97 -3.06
N LYS A 62 4.50 -19.83 -3.74
CA LYS A 62 4.38 -19.95 -5.20
C LYS A 62 4.55 -18.61 -5.89
N THR A 63 4.77 -18.66 -7.20
CA THR A 63 4.97 -17.48 -8.03
C THR A 63 3.80 -17.36 -9.01
N ILE A 64 3.31 -16.13 -9.17
CA ILE A 64 2.19 -15.81 -10.03
C ILE A 64 2.67 -14.79 -11.06
N SER A 65 2.50 -15.10 -12.35
CA SER A 65 3.09 -14.31 -13.42
C SER A 65 2.06 -14.10 -14.53
N GLY A 66 2.38 -13.14 -15.42
CA GLY A 66 1.52 -12.80 -16.53
C GLY A 66 1.56 -11.34 -16.90
N HIS A 67 1.99 -10.47 -15.98
CA HIS A 67 2.16 -9.07 -16.33
C HIS A 67 3.31 -8.90 -17.30
N LYS A 68 3.13 -8.03 -18.30
CA LYS A 68 4.17 -7.80 -19.29
C LYS A 68 5.22 -6.81 -18.81
N LEU A 69 4.94 -6.05 -17.76
CA LEU A 69 5.90 -5.12 -17.18
C LEU A 69 5.79 -5.18 -15.65
N GLY A 70 6.66 -4.43 -14.98
CA GLY A 70 6.75 -4.53 -13.54
C GLY A 70 5.46 -4.15 -12.83
N ILE A 71 5.36 -4.60 -11.59
CA ILE A 71 4.17 -4.45 -10.76
C ILE A 71 4.50 -3.48 -9.64
N SER A 72 3.66 -2.48 -9.44
CA SER A 72 3.87 -1.53 -8.36
C SER A 72 3.04 -1.82 -7.12
N ASP A 73 2.01 -2.66 -7.23
CA ASP A 73 1.14 -2.88 -6.08
C ASP A 73 0.35 -4.18 -6.25
N VAL A 74 -0.04 -4.75 -5.11
CA VAL A 74 -0.85 -5.96 -5.06
C VAL A 74 -1.67 -5.89 -3.78
N ALA A 75 -2.86 -6.48 -3.80
CA ALA A 75 -3.76 -6.37 -2.67
C ALA A 75 -4.72 -7.55 -2.62
N TRP A 76 -5.12 -7.92 -1.41
CA TRP A 76 -5.92 -9.11 -1.18
C TRP A 76 -7.42 -8.81 -1.22
N SER A 77 -8.20 -9.83 -1.56
CA SER A 77 -9.63 -9.72 -1.34
C SER A 77 -9.95 -10.08 0.11
N SER A 78 -11.18 -9.78 0.53
CA SER A 78 -11.55 -9.93 1.94
C SER A 78 -11.43 -11.38 2.41
N ASP A 79 -11.72 -12.33 1.54
CA ASP A 79 -11.69 -13.73 1.88
C ASP A 79 -10.33 -14.39 1.62
N SER A 80 -9.31 -13.59 1.27
CA SER A 80 -7.96 -14.08 1.04
C SER A 80 -7.86 -15.01 -0.16
N ASN A 81 -8.88 -15.05 -1.02
CA ASN A 81 -8.88 -15.92 -2.19
C ASN A 81 -8.33 -15.24 -3.45
N LEU A 82 -8.40 -13.92 -3.53
CA LEU A 82 -8.10 -13.20 -4.75
C LEU A 82 -7.01 -12.16 -4.51
N LEU A 83 -6.20 -11.94 -5.53
CA LEU A 83 -5.28 -10.81 -5.55
C LEU A 83 -5.62 -9.91 -6.71
N VAL A 84 -5.29 -8.64 -6.56
CA VAL A 84 -5.31 -7.70 -7.68
C VAL A 84 -3.94 -7.06 -7.76
N SER A 85 -3.42 -6.94 -8.98
CA SER A 85 -2.10 -6.37 -9.21
C SER A 85 -2.20 -5.22 -10.19
N ALA A 86 -1.34 -4.22 -9.99
CA ALA A 86 -1.31 -3.00 -10.79
C ALA A 86 0.08 -2.86 -11.39
N SER A 87 0.16 -2.66 -12.71
CA SER A 87 1.42 -2.82 -13.41
C SER A 87 1.67 -1.70 -14.42
N ASP A 88 2.96 -1.55 -14.78
CA ASP A 88 3.35 -0.60 -15.81
C ASP A 88 2.82 -0.98 -17.19
N ASP A 89 2.35 -2.22 -17.38
CA ASP A 89 1.70 -2.58 -18.65
C ASP A 89 0.31 -1.96 -18.79
N LYS A 90 -0.06 -1.09 -17.85
CA LYS A 90 -1.27 -0.27 -17.87
C LYS A 90 -2.53 -1.08 -17.60
N THR A 91 -2.39 -2.35 -17.24
CA THR A 91 -3.53 -3.16 -16.85
C THR A 91 -3.47 -3.46 -15.36
N LEU A 92 -4.61 -3.85 -14.82
CA LEU A 92 -4.64 -4.57 -13.55
C LEU A 92 -5.00 -6.02 -13.83
N LYS A 93 -4.67 -6.89 -12.91
CA LYS A 93 -5.07 -8.29 -13.09
C LYS A 93 -5.64 -8.83 -11.79
N ILE A 94 -6.77 -9.52 -11.92
CA ILE A 94 -7.41 -10.25 -10.83
C ILE A 94 -7.00 -11.70 -10.96
N TRP A 95 -6.42 -12.22 -9.87
CA TRP A 95 -5.82 -13.54 -9.79
C TRP A 95 -6.55 -14.40 -8.75
N ASP A 96 -6.83 -15.65 -9.12
CA ASP A 96 -7.18 -16.69 -8.16
C ASP A 96 -5.90 -17.25 -7.58
N VAL A 97 -5.70 -17.05 -6.28
CA VAL A 97 -4.44 -17.45 -5.64
C VAL A 97 -4.24 -18.96 -5.69
N SER A 98 -5.28 -19.73 -5.37
CA SER A 98 -5.10 -21.17 -5.24
C SER A 98 -4.69 -21.80 -6.57
N SER A 99 -5.37 -21.42 -7.66
CA SER A 99 -5.07 -21.98 -8.97
C SER A 99 -4.01 -21.19 -9.72
N GLY A 100 -3.69 -19.98 -9.29
CA GLY A 100 -2.70 -19.15 -9.97
C GLY A 100 -3.19 -18.49 -11.24
N LYS A 101 -4.48 -18.64 -11.57
CA LYS A 101 -5.02 -18.15 -12.83
C LYS A 101 -5.27 -16.66 -12.78
N CYS A 102 -5.00 -15.98 -13.89
CA CYS A 102 -5.47 -14.61 -14.07
C CYS A 102 -6.94 -14.66 -14.44
N LEU A 103 -7.81 -14.27 -13.51
CA LEU A 103 -9.23 -14.33 -13.78
C LEU A 103 -9.69 -13.17 -14.64
N LYS A 104 -9.09 -12.00 -14.47
CA LYS A 104 -9.50 -10.88 -15.30
C LYS A 104 -8.30 -9.98 -15.55
N THR A 105 -8.32 -9.29 -16.70
CA THR A 105 -7.36 -8.25 -17.00
C THR A 105 -8.13 -6.95 -17.20
N LEU A 106 -7.96 -6.03 -16.26
CA LEU A 106 -8.66 -4.75 -16.24
C LEU A 106 -7.87 -3.77 -17.10
N LYS A 107 -8.40 -3.48 -18.29
CA LYS A 107 -7.83 -2.53 -19.23
C LYS A 107 -8.66 -1.26 -19.21
N GLY A 108 -8.00 -0.12 -19.44
CA GLY A 108 -8.68 1.17 -19.43
C GLY A 108 -7.86 2.36 -18.96
N HIS A 109 -6.85 2.14 -18.12
CA HIS A 109 -5.88 3.20 -17.87
C HIS A 109 -5.03 3.43 -19.11
N SER A 110 -4.58 4.66 -19.30
CA SER A 110 -3.74 5.01 -20.44
C SER A 110 -2.27 5.19 -20.07
N ASN A 111 -1.91 4.93 -18.81
CA ASN A 111 -0.52 4.97 -18.36
C ASN A 111 -0.36 3.94 -17.24
N TYR A 112 0.83 3.90 -16.64
CA TYR A 112 1.11 2.91 -15.61
C TYR A 112 0.03 2.93 -14.52
N VAL A 113 -0.28 1.76 -14.00
CA VAL A 113 -1.13 1.64 -12.81
C VAL A 113 -0.23 1.51 -11.60
N PHE A 114 -0.45 2.38 -10.61
CA PHE A 114 0.43 2.51 -9.46
C PHE A 114 -0.08 1.82 -8.20
N CYS A 115 -1.40 1.73 -8.03
CA CYS A 115 -1.95 1.30 -6.75
C CYS A 115 -3.31 0.67 -6.97
N CYS A 116 -3.70 -0.24 -6.09
CA CYS A 116 -4.97 -0.92 -6.22
C CYS A 116 -5.43 -1.42 -4.86
N ASN A 117 -6.73 -1.58 -4.72
CA ASN A 117 -7.30 -2.17 -3.52
C ASN A 117 -8.68 -2.72 -3.85
N PHE A 118 -9.09 -3.73 -3.09
CA PHE A 118 -10.47 -4.18 -3.06
C PHE A 118 -11.27 -3.34 -2.07
N ASN A 119 -12.58 -3.31 -2.25
CA ASN A 119 -13.46 -2.81 -1.20
C ASN A 119 -13.75 -3.95 -0.21
N PRO A 120 -14.28 -3.62 0.98
CA PRO A 120 -14.53 -4.69 1.97
C PRO A 120 -15.44 -5.79 1.46
N GLN A 121 -16.41 -5.44 0.62
N GLN A 121 -16.43 -5.45 0.63
CA GLN A 121 -17.26 -6.43 -0.03
CA GLN A 121 -17.22 -6.50 0.00
C GLN A 121 -16.51 -7.23 -1.11
C GLN A 121 -16.37 -7.34 -0.95
N SER A 122 -15.35 -6.74 -1.55
CA SER A 122 -14.53 -7.35 -2.60
C SER A 122 -15.32 -7.59 -3.89
N ASN A 123 -16.41 -6.85 -4.10
CA ASN A 123 -17.07 -6.78 -5.40
C ASN A 123 -16.58 -5.61 -6.25
N LEU A 124 -15.74 -4.74 -5.69
CA LEU A 124 -15.19 -3.61 -6.42
C LEU A 124 -13.68 -3.56 -6.24
N ILE A 125 -13.01 -2.98 -7.22
CA ILE A 125 -11.58 -2.71 -7.15
C ILE A 125 -11.39 -1.23 -7.48
N VAL A 126 -10.44 -0.59 -6.81
CA VAL A 126 -10.12 0.79 -7.10
C VAL A 126 -8.67 0.84 -7.55
N SER A 127 -8.39 1.67 -8.55
CA SER A 127 -7.06 1.74 -9.11
C SER A 127 -6.69 3.20 -9.33
N GLY A 128 -5.41 3.48 -9.20
CA GLY A 128 -4.88 4.80 -9.50
C GLY A 128 -3.73 4.67 -10.46
N SER A 129 -3.59 5.67 -11.33
CA SER A 129 -2.70 5.52 -12.47
C SER A 129 -1.86 6.77 -12.67
N PHE A 130 -0.78 6.59 -13.43
CA PHE A 130 0.00 7.73 -13.90
C PHE A 130 -0.82 8.62 -14.84
N ASP A 131 -1.92 8.12 -15.39
CA ASP A 131 -2.78 8.94 -16.23
C ASP A 131 -3.67 9.86 -15.41
N GLU A 132 -3.41 9.97 -14.11
CA GLU A 132 -4.01 10.96 -13.20
C GLU A 132 -5.47 10.68 -12.91
N SER A 133 -5.97 9.48 -13.22
CA SER A 133 -7.35 9.12 -12.97
C SER A 133 -7.43 8.10 -11.84
N VAL A 134 -8.61 7.99 -11.26
CA VAL A 134 -8.95 6.89 -10.37
C VAL A 134 -10.05 6.08 -11.07
N ARG A 135 -9.92 4.76 -11.09
CA ARG A 135 -10.93 3.94 -11.72
C ARG A 135 -11.54 2.94 -10.74
N ILE A 136 -12.84 2.73 -10.90
CA ILE A 136 -13.60 1.78 -10.11
C ILE A 136 -14.08 0.68 -11.05
N TRP A 137 -13.69 -0.56 -10.74
CA TRP A 137 -13.93 -1.74 -11.57
C TRP A 137 -14.81 -2.75 -10.83
N ASP A 138 -15.64 -3.45 -11.60
CA ASP A 138 -16.46 -4.54 -11.08
C ASP A 138 -15.65 -5.83 -11.11
N VAL A 139 -15.48 -6.45 -9.93
CA VAL A 139 -14.68 -7.67 -9.82
C VAL A 139 -15.25 -8.79 -10.69
N LYS A 140 -16.57 -8.97 -10.68
CA LYS A 140 -17.14 -10.11 -11.38
C LYS A 140 -16.87 -10.06 -12.88
N THR A 141 -17.17 -8.94 -13.52
CA THR A 141 -17.06 -8.84 -14.97
C THR A 141 -15.74 -8.27 -15.44
N GLY A 142 -15.00 -7.59 -14.57
CA GLY A 142 -13.77 -6.95 -14.99
C GLY A 142 -13.95 -5.67 -15.77
N LYS A 143 -15.16 -5.13 -15.83
CA LYS A 143 -15.44 -3.92 -16.59
C LYS A 143 -15.30 -2.68 -15.71
N CYS A 144 -14.90 -1.58 -16.33
CA CYS A 144 -14.75 -0.32 -15.60
C CYS A 144 -16.13 0.26 -15.31
N LEU A 145 -16.41 0.50 -14.04
CA LEU A 145 -17.66 1.16 -13.69
C LEU A 145 -17.53 2.68 -13.72
N LYS A 146 -16.47 3.24 -13.13
CA LYS A 146 -16.34 4.70 -13.14
C LYS A 146 -14.90 5.12 -13.38
N THR A 147 -14.74 6.22 -14.10
CA THR A 147 -13.44 6.88 -14.29
C THR A 147 -13.54 8.27 -13.68
N LEU A 148 -12.82 8.49 -12.59
CA LEU A 148 -12.83 9.76 -11.87
C LEU A 148 -11.64 10.59 -12.33
N PRO A 149 -11.87 11.79 -12.87
CA PRO A 149 -10.75 12.70 -13.15
C PRO A 149 -10.21 13.28 -11.85
N ALA A 150 -9.51 12.45 -11.08
CA ALA A 150 -9.26 12.76 -9.68
C ALA A 150 -8.20 13.84 -9.51
N HIS A 151 -7.11 13.77 -10.27
CA HIS A 151 -5.93 14.57 -9.96
C HIS A 151 -5.28 15.08 -11.23
N SER A 152 -4.34 16.01 -11.06
CA SER A 152 -3.58 16.57 -12.17
C SER A 152 -2.13 16.07 -12.17
N ASP A 153 -1.88 14.96 -11.49
CA ASP A 153 -0.57 14.31 -11.46
C ASP A 153 -0.79 12.83 -11.12
N PRO A 154 0.26 12.01 -11.23
CA PRO A 154 0.07 10.57 -10.97
C PRO A 154 -0.54 10.31 -9.60
N VAL A 155 -1.42 9.32 -9.53
CA VAL A 155 -2.11 8.94 -8.31
C VAL A 155 -1.29 7.90 -7.56
N SER A 156 -0.92 8.21 -6.32
CA SER A 156 -0.01 7.36 -5.56
C SER A 156 -0.70 6.31 -4.72
N ALA A 157 -1.96 6.52 -4.34
CA ALA A 157 -2.63 5.56 -3.48
C ALA A 157 -4.13 5.71 -3.66
N VAL A 158 -4.84 4.62 -3.39
CA VAL A 158 -6.30 4.60 -3.33
C VAL A 158 -6.72 3.61 -2.26
N HIS A 159 -7.80 3.91 -1.55
CA HIS A 159 -8.19 3.03 -0.47
C HIS A 159 -9.67 3.24 -0.13
N PHE A 160 -10.38 2.14 0.07
CA PHE A 160 -11.77 2.19 0.51
C PHE A 160 -11.83 2.33 2.02
N ASN A 161 -12.89 2.96 2.51
CA ASN A 161 -13.13 3.00 3.94
C ASN A 161 -13.80 1.69 4.38
N ARG A 162 -14.19 1.63 5.67
CA ARG A 162 -14.56 0.35 6.27
C ARG A 162 -15.80 -0.24 5.64
N ASP A 163 -16.72 0.59 5.15
CA ASP A 163 -17.94 0.11 4.53
C ASP A 163 -17.94 0.28 3.02
N GLY A 164 -16.87 0.80 2.43
CA GLY A 164 -16.76 0.95 0.99
C GLY A 164 -17.49 2.12 0.40
N SER A 165 -18.16 2.94 1.22
CA SER A 165 -18.89 4.08 0.69
C SER A 165 -17.96 5.21 0.28
N LEU A 166 -16.72 5.19 0.73
CA LEU A 166 -15.77 6.28 0.55
C LEU A 166 -14.47 5.75 -0.02
N ILE A 167 -13.90 6.49 -0.96
CA ILE A 167 -12.58 6.20 -1.50
C ILE A 167 -11.67 7.38 -1.18
N VAL A 168 -10.48 7.11 -0.67
CA VAL A 168 -9.46 8.13 -0.47
C VAL A 168 -8.37 7.92 -1.51
N SER A 169 -7.92 9.02 -2.12
CA SER A 169 -6.88 9.00 -3.12
C SER A 169 -5.84 10.07 -2.81
N SER A 170 -4.61 9.82 -3.24
CA SER A 170 -3.53 10.77 -3.07
C SER A 170 -2.79 10.90 -4.39
N SER A 171 -2.07 12.01 -4.56
CA SER A 171 -1.42 12.25 -5.83
C SER A 171 -0.18 13.11 -5.63
N TYR A 172 0.69 13.06 -6.64
CA TYR A 172 1.85 13.95 -6.68
C TYR A 172 1.43 15.41 -6.64
N ASP A 173 0.22 15.75 -7.07
CA ASP A 173 -0.22 17.13 -7.08
C ASP A 173 -0.37 17.73 -5.69
N GLY A 174 -0.06 16.99 -4.64
CA GLY A 174 -0.12 17.48 -3.27
C GLY A 174 -1.47 17.33 -2.60
N LEU A 175 -2.47 16.82 -3.29
CA LEU A 175 -3.81 16.75 -2.76
C LEU A 175 -4.15 15.36 -2.27
N CYS A 176 -5.03 15.31 -1.26
CA CYS A 176 -5.68 14.08 -0.84
CA CYS A 176 -5.68 14.07 -0.86
C CYS A 176 -7.18 14.27 -1.02
N ARG A 177 -7.84 13.35 -1.72
CA ARG A 177 -9.25 13.58 -2.00
C ARG A 177 -10.11 12.39 -1.59
N ILE A 178 -11.32 12.71 -1.16
CA ILE A 178 -12.32 11.76 -0.70
C ILE A 178 -13.48 11.80 -1.66
N TRP A 179 -13.81 10.64 -2.22
CA TRP A 179 -14.81 10.43 -3.26
C TRP A 179 -15.93 9.54 -2.74
N ASP A 180 -17.16 9.85 -3.15
CA ASP A 180 -18.31 9.00 -2.86
C ASP A 180 -18.33 7.86 -3.87
N THR A 181 -18.11 6.63 -3.38
CA THR A 181 -18.01 5.48 -4.28
C THR A 181 -19.21 5.35 -5.20
N ALA A 182 -20.42 5.52 -4.66
CA ALA A 182 -21.61 5.31 -5.47
C ALA A 182 -21.72 6.35 -6.58
N SER A 183 -21.53 7.62 -6.22
CA SER A 183 -21.77 8.75 -7.12
C SER A 183 -20.51 9.24 -7.82
N GLY A 184 -19.36 9.20 -7.19
CA GLY A 184 -18.14 9.68 -7.80
C GLY A 184 -17.84 11.15 -7.59
N GLN A 185 -18.70 11.89 -6.88
CA GLN A 185 -18.41 13.29 -6.63
C GLN A 185 -17.29 13.43 -5.61
N CYS A 186 -16.49 14.48 -5.79
CA CYS A 186 -15.46 14.80 -4.82
C CYS A 186 -16.12 15.35 -3.55
N LEU A 187 -15.98 14.63 -2.45
CA LEU A 187 -16.51 15.10 -1.18
C LEU A 187 -15.53 15.96 -0.42
N LYS A 188 -14.24 15.69 -0.53
CA LYS A 188 -13.30 16.45 0.30
C LYS A 188 -11.92 16.52 -0.35
N THR A 189 -11.28 17.68 -0.22
CA THR A 189 -9.89 17.85 -0.61
C THR A 189 -9.09 18.31 0.61
N LEU A 190 -8.00 17.61 0.89
CA LEU A 190 -7.19 17.84 2.08
C LEU A 190 -5.77 18.17 1.67
N ILE A 191 -5.26 19.24 2.29
CA ILE A 191 -3.92 19.75 2.08
C ILE A 191 -3.62 20.68 3.25
N ASP A 192 -2.35 20.76 3.60
CA ASP A 192 -1.90 21.54 4.73
C ASP A 192 -1.03 22.70 4.26
N ASP A 193 -0.40 23.38 5.20
CA ASP A 193 0.30 24.65 4.97
C ASP A 193 1.19 24.70 3.72
N ASP A 194 1.93 23.62 3.45
CA ASP A 194 2.75 23.54 2.23
C ASP A 194 2.08 22.65 1.19
N ASN A 195 2.75 22.48 0.03
CA ASN A 195 2.17 21.63 -1.01
C ASN A 195 3.08 20.47 -1.40
N PRO A 196 3.58 19.66 -0.46
CA PRO A 196 4.45 18.57 -0.87
C PRO A 196 3.66 17.49 -1.57
N PRO A 197 4.28 16.81 -2.53
CA PRO A 197 3.62 15.66 -3.16
C PRO A 197 3.20 14.62 -2.12
N VAL A 198 1.97 14.13 -2.26
CA VAL A 198 1.45 13.11 -1.36
C VAL A 198 1.73 11.74 -1.95
N SER A 199 2.52 10.94 -1.24
CA SER A 199 3.00 9.66 -1.73
C SER A 199 2.22 8.46 -1.23
N PHE A 200 1.34 8.65 -0.23
CA PHE A 200 0.57 7.53 0.27
C PHE A 200 -0.59 8.05 1.09
N VAL A 201 -1.66 7.25 1.15
CA VAL A 201 -2.79 7.56 2.01
C VAL A 201 -3.56 6.27 2.26
N LYS A 202 -4.22 6.19 3.42
CA LYS A 202 -5.10 5.07 3.72
C LYS A 202 -5.96 5.42 4.93
N PHE A 203 -7.16 4.83 4.96
CA PHE A 203 -8.05 4.98 6.10
C PHE A 203 -7.55 4.21 7.31
N SER A 204 -7.87 4.72 8.50
CA SER A 204 -7.65 3.99 9.74
C SER A 204 -8.57 2.78 9.81
N PRO A 205 -8.21 1.76 10.61
CA PRO A 205 -9.06 0.56 10.69
C PRO A 205 -10.47 0.83 11.17
N ASN A 206 -10.70 1.90 11.93
CA ASN A 206 -12.06 2.24 12.31
C ASN A 206 -12.76 3.15 11.32
N GLY A 207 -12.06 3.63 10.30
CA GLY A 207 -12.64 4.47 9.28
C GLY A 207 -12.78 5.93 9.64
N LYS A 208 -12.35 6.34 10.83
CA LYS A 208 -12.53 7.74 11.24
C LYS A 208 -11.38 8.64 10.82
N TYR A 209 -10.21 8.08 10.53
CA TYR A 209 -9.02 8.87 10.20
C TYR A 209 -8.44 8.39 8.88
N ILE A 210 -7.57 9.21 8.31
CA ILE A 210 -6.74 8.79 7.19
C ILE A 210 -5.29 9.13 7.51
N LEU A 211 -4.40 8.18 7.24
CA LEU A 211 -2.97 8.36 7.41
C LEU A 211 -2.39 8.69 6.05
N ALA A 212 -1.64 9.78 5.96
CA ALA A 212 -1.09 10.22 4.68
C ALA A 212 0.42 10.45 4.81
N ALA A 213 1.14 10.14 3.74
CA ALA A 213 2.57 10.39 3.67
C ALA A 213 2.83 11.46 2.63
N THR A 214 3.74 12.37 2.93
CA THR A 214 4.14 13.39 1.97
C THR A 214 5.65 13.31 1.75
N LEU A 215 6.10 13.70 0.55
CA LEU A 215 7.51 13.60 0.24
C LEU A 215 8.27 14.78 0.82
N ASP A 216 8.01 15.08 2.10
CA ASP A 216 8.81 15.99 2.90
C ASP A 216 9.07 15.35 4.27
N ASN A 217 9.30 14.04 4.27
CA ASN A 217 9.70 13.28 5.44
C ASN A 217 8.63 13.30 6.53
N THR A 218 7.36 13.22 6.12
CA THR A 218 6.28 13.48 7.05
C THR A 218 5.14 12.48 6.87
N LEU A 219 4.63 11.98 7.99
CA LEU A 219 3.39 11.23 8.04
C LEU A 219 2.38 12.02 8.87
N LYS A 220 1.15 12.13 8.38
CA LYS A 220 0.13 12.92 9.06
C LYS A 220 -1.14 12.10 9.22
N LEU A 221 -1.63 12.04 10.46
CA LEU A 221 -2.92 11.46 10.77
C LEU A 221 -3.98 12.56 10.74
N TRP A 222 -4.97 12.40 9.87
CA TRP A 222 -6.01 13.38 9.58
C TRP A 222 -7.36 12.85 10.04
N ASP A 223 -8.16 13.74 10.64
CA ASP A 223 -9.59 13.52 10.85
C ASP A 223 -10.32 13.99 9.61
N TYR A 224 -10.79 13.05 8.79
CA TYR A 224 -11.22 13.43 7.44
C TYR A 224 -12.48 14.29 7.46
N SER A 225 -13.38 14.06 8.42
CA SER A 225 -14.61 14.85 8.47
C SER A 225 -14.33 16.31 8.80
N LYS A 226 -13.55 16.55 9.85
CA LYS A 226 -13.24 17.93 10.23
C LYS A 226 -12.19 18.56 9.33
N GLY A 227 -11.54 17.79 8.46
CA GLY A 227 -10.49 18.34 7.62
C GLY A 227 -9.34 18.89 8.42
N LYS A 228 -8.96 18.21 9.49
CA LYS A 228 -8.00 18.71 10.45
C LYS A 228 -6.90 17.67 10.64
N CYS A 229 -5.66 18.14 10.64
CA CYS A 229 -4.52 17.26 10.89
C CYS A 229 -4.38 17.03 12.39
N LEU A 230 -4.48 15.77 12.80
CA LEU A 230 -4.48 15.42 14.22
C LEU A 230 -3.09 15.07 14.74
N LYS A 231 -2.30 14.33 13.96
CA LYS A 231 -0.97 13.93 14.44
C LYS A 231 0.06 14.05 13.32
N THR A 232 1.30 14.29 13.72
CA THR A 232 2.43 14.32 12.80
C THR A 232 3.50 13.37 13.30
N TYR A 233 4.09 12.60 12.37
CA TYR A 233 5.15 11.65 12.67
C TYR A 233 6.32 11.95 11.75
N THR A 234 7.47 12.24 12.35
CA THR A 234 8.66 12.65 11.62
C THR A 234 9.86 11.88 12.15
N GLY A 235 11.02 12.15 11.57
CA GLY A 235 12.25 11.48 11.94
C GLY A 235 12.71 10.44 10.94
N HIS A 236 11.87 10.06 10.00
CA HIS A 236 12.26 9.17 8.92
C HIS A 236 12.61 9.98 7.68
N LYS A 237 12.99 9.27 6.61
CA LYS A 237 13.47 9.88 5.38
C LYS A 237 12.51 9.46 4.26
N ASN A 238 11.67 10.38 3.81
CA ASN A 238 10.76 10.12 2.70
C ASN A 238 10.72 11.37 1.81
N GLU A 239 11.47 11.33 0.70
CA GLU A 239 11.48 12.42 -0.25
C GLU A 239 11.35 12.00 -1.71
N LYS A 240 11.43 10.70 -2.03
CA LYS A 240 11.47 10.30 -3.43
C LYS A 240 10.48 9.18 -3.77
N TYR A 241 10.16 8.35 -2.79
CA TYR A 241 9.50 7.08 -3.04
C TYR A 241 8.14 7.03 -2.36
N CYS A 242 7.19 6.37 -3.01
CA CYS A 242 5.85 6.21 -2.46
C CYS A 242 5.90 5.02 -1.50
N ILE A 243 6.15 5.32 -0.24
CA ILE A 243 6.33 4.31 0.78
C ILE A 243 5.02 4.09 1.52
N PHE A 244 4.62 2.82 1.63
CA PHE A 244 3.43 2.46 2.39
C PHE A 244 3.63 2.80 3.87
N ALA A 245 2.52 3.06 4.56
CA ALA A 245 2.50 3.13 6.01
C ALA A 245 1.28 2.39 6.52
N ASN A 246 1.36 1.94 7.76
CA ASN A 246 0.33 1.07 8.33
C ASN A 246 0.01 1.44 9.77
N PHE A 247 -1.21 1.08 10.18
CA PHE A 247 -1.62 1.10 11.58
C PHE A 247 -1.35 -0.27 12.18
N SER A 248 -0.51 -0.34 13.21
CA SER A 248 -0.25 -1.58 13.93
C SER A 248 -1.15 -1.61 15.16
N VAL A 249 -2.01 -2.64 15.25
CA VAL A 249 -3.09 -2.65 16.23
C VAL A 249 -3.12 -3.95 17.03
N THR A 250 -2.36 -4.97 16.59
CA THR A 250 -2.40 -6.25 17.29
C THR A 250 -1.81 -6.16 18.69
N GLY A 251 -0.74 -5.37 18.84
CA GLY A 251 -0.16 -5.15 20.15
C GLY A 251 -0.42 -3.73 20.61
N GLY A 252 0.65 -2.97 20.84
CA GLY A 252 0.48 -1.54 21.02
C GLY A 252 0.04 -0.86 19.74
N LYS A 253 -0.60 0.29 19.89
CA LYS A 253 -1.10 1.06 18.75
C LYS A 253 0.05 1.89 18.17
N TRP A 254 0.62 1.40 17.07
CA TRP A 254 1.77 2.04 16.47
C TRP A 254 1.44 2.53 15.06
N ILE A 255 2.30 3.42 14.58
CA ILE A 255 2.35 3.80 13.17
C ILE A 255 3.65 3.26 12.60
N VAL A 256 3.55 2.51 11.50
CA VAL A 256 4.69 1.77 10.94
C VAL A 256 4.96 2.28 9.54
N SER A 257 6.23 2.52 9.23
CA SER A 257 6.56 2.99 7.88
C SER A 257 7.98 2.63 7.50
N GLY A 258 8.19 2.30 6.23
CA GLY A 258 9.53 2.20 5.69
C GLY A 258 10.17 3.57 5.58
N SER A 259 11.42 3.59 5.15
CA SER A 259 12.15 4.84 5.06
C SER A 259 13.29 4.72 4.05
N GLU A 260 13.69 5.87 3.52
CA GLU A 260 14.72 5.96 2.51
C GLU A 260 16.14 5.91 3.08
N ASP A 261 16.27 5.74 4.40
CA ASP A 261 17.55 5.45 5.04
C ASP A 261 17.70 3.95 5.34
N ASN A 262 16.84 3.11 4.75
CA ASN A 262 16.88 1.65 4.77
C ASN A 262 16.33 1.06 6.06
N LEU A 263 15.70 1.85 6.93
CA LEU A 263 15.17 1.39 8.21
C LEU A 263 13.65 1.37 8.18
N VAL A 264 13.08 0.54 9.07
CA VAL A 264 11.65 0.59 9.36
C VAL A 264 11.47 1.41 10.63
N TYR A 265 10.54 2.35 10.60
CA TYR A 265 10.27 3.23 11.72
C TYR A 265 8.94 2.85 12.35
N ILE A 266 8.89 2.85 13.68
CA ILE A 266 7.69 2.55 14.44
C ILE A 266 7.50 3.66 15.47
N TRP A 267 6.39 4.39 15.35
CA TRP A 267 5.99 5.46 16.27
C TRP A 267 4.84 5.03 17.17
N ASN A 268 4.86 5.53 18.39
CA ASN A 268 3.67 5.51 19.22
C ASN A 268 2.61 6.41 18.57
N LEU A 269 1.40 5.87 18.36
CA LEU A 269 0.42 6.61 17.57
C LEU A 269 0.01 7.91 18.27
N GLN A 270 -0.16 7.86 19.59
CA GLN A 270 -0.69 9.02 20.31
C GLN A 270 0.40 10.04 20.64
N THR A 271 1.58 9.58 21.06
CA THR A 271 2.65 10.49 21.48
C THR A 271 3.56 10.92 20.34
N LYS A 272 3.43 10.30 19.17
CA LYS A 272 4.24 10.60 17.99
C LYS A 272 5.72 10.31 18.20
N GLU A 273 6.09 9.82 19.38
CA GLU A 273 7.48 9.45 19.63
C GLU A 273 7.88 8.25 18.78
N ILE A 274 9.10 8.28 18.24
CA ILE A 274 9.68 7.06 17.69
C ILE A 274 9.93 6.10 18.83
N VAL A 275 9.39 4.89 18.71
CA VAL A 275 9.63 3.86 19.71
C VAL A 275 10.55 2.77 19.20
N GLN A 276 10.63 2.54 17.88
CA GLN A 276 11.60 1.55 17.41
C GLN A 276 12.04 1.85 15.98
N LYS A 277 13.27 1.42 15.67
CA LYS A 277 13.80 1.41 14.31
C LYS A 277 14.34 0.01 14.01
N LEU A 278 13.97 -0.53 12.86
CA LEU A 278 14.34 -1.87 12.45
C LEU A 278 15.41 -1.75 11.36
N GLN A 279 16.56 -2.37 11.60
CA GLN A 279 17.76 -2.23 10.82
C GLN A 279 18.09 -3.56 10.16
N GLY A 280 18.61 -3.52 8.94
CA GLY A 280 19.03 -4.74 8.27
C GLY A 280 18.86 -4.76 6.76
N HIS A 281 17.93 -3.96 6.23
CA HIS A 281 17.82 -3.82 4.79
C HIS A 281 18.98 -3.00 4.24
N THR A 282 19.31 -3.22 2.98
CA THR A 282 20.41 -2.50 2.33
C THR A 282 19.95 -1.53 1.26
N ASP A 283 18.64 -1.31 1.13
CA ASP A 283 18.15 -0.28 0.22
C ASP A 283 16.90 0.33 0.84
N VAL A 284 16.29 1.26 0.10
CA VAL A 284 15.09 1.95 0.57
C VAL A 284 14.03 0.93 0.95
N VAL A 285 13.48 1.05 2.15
CA VAL A 285 12.35 0.20 2.55
C VAL A 285 11.11 0.82 1.94
N ILE A 286 10.66 0.26 0.81
CA ILE A 286 9.51 0.80 0.11
C ILE A 286 8.19 0.34 0.71
N SER A 287 8.17 -0.79 1.45
CA SER A 287 6.86 -1.31 1.84
C SER A 287 6.92 -1.98 3.20
N THR A 288 5.84 -1.81 3.97
CA THR A 288 5.64 -2.54 5.20
C THR A 288 4.18 -2.95 5.30
N ALA A 289 3.94 -4.05 6.00
CA ALA A 289 2.60 -4.54 6.28
C ALA A 289 2.58 -5.15 7.67
N CYS A 290 1.42 -5.11 8.31
CA CYS A 290 1.25 -5.63 9.66
C CYS A 290 0.28 -6.80 9.66
N HIS A 291 0.66 -7.88 10.33
CA HIS A 291 -0.17 -9.08 10.37
C HIS A 291 -1.46 -8.81 11.14
N PRO A 292 -2.58 -9.38 10.70
CA PRO A 292 -3.88 -9.00 11.29
C PRO A 292 -4.16 -9.58 12.68
N THR A 293 -3.39 -10.56 13.16
CA THR A 293 -3.65 -11.10 14.49
C THR A 293 -2.40 -11.19 15.36
N GLU A 294 -1.23 -11.32 14.75
CA GLU A 294 0.02 -11.43 15.48
C GLU A 294 0.89 -10.18 15.27
N ASN A 295 1.73 -9.90 16.27
CA ASN A 295 2.66 -8.77 16.17
C ASN A 295 3.78 -9.11 15.20
N ILE A 296 3.47 -9.11 13.90
CA ILE A 296 4.43 -9.45 12.86
C ILE A 296 4.44 -8.30 11.87
N ILE A 297 5.63 -7.82 11.52
CA ILE A 297 5.82 -6.81 10.49
C ILE A 297 6.54 -7.45 9.31
N ALA A 298 6.06 -7.20 8.10
CA ALA A 298 6.81 -7.55 6.90
C ALA A 298 7.30 -6.28 6.25
N SER A 299 8.58 -6.25 5.87
CA SER A 299 9.18 -5.09 5.23
C SER A 299 9.87 -5.53 3.95
N ALA A 300 9.95 -4.62 2.99
CA ALA A 300 10.49 -4.95 1.67
C ALA A 300 11.16 -3.72 1.07
N ALA A 301 12.25 -3.98 0.35
CA ALA A 301 13.23 -2.97 -0.05
C ALA A 301 13.55 -3.07 -1.55
N LEU A 302 14.26 -2.04 -2.02
CA LEU A 302 14.47 -1.76 -3.43
C LEU A 302 15.66 -2.52 -4.02
N GLU A 303 16.10 -2.04 -5.20
CA GLU A 303 16.90 -2.83 -6.13
C GLU A 303 18.20 -3.34 -5.49
N ASN A 304 18.84 -2.53 -4.65
CA ASN A 304 20.09 -3.00 -4.05
C ASN A 304 19.87 -4.07 -3.00
N ASP A 305 18.64 -4.30 -2.57
CA ASP A 305 18.37 -5.25 -1.50
C ASP A 305 17.61 -6.47 -2.00
N LYS A 306 16.43 -6.26 -2.60
CA LYS A 306 15.60 -7.27 -3.25
C LYS A 306 14.99 -8.30 -2.29
N THR A 307 15.05 -8.09 -0.98
CA THR A 307 14.55 -9.08 -0.04
C THR A 307 13.34 -8.56 0.73
N ILE A 308 12.64 -9.51 1.34
CA ILE A 308 11.56 -9.24 2.28
C ILE A 308 12.01 -9.77 3.63
N LYS A 309 11.68 -9.03 4.70
CA LYS A 309 12.04 -9.42 6.04
C LYS A 309 10.82 -9.48 6.93
N LEU A 310 10.72 -10.53 7.73
CA LEU A 310 9.66 -10.68 8.73
C LEU A 310 10.24 -10.42 10.12
N TRP A 311 9.56 -9.58 10.89
CA TRP A 311 9.96 -9.24 12.24
C TRP A 311 8.81 -9.57 13.18
N LYS A 312 9.13 -10.09 14.36
CA LYS A 312 8.12 -10.47 15.35
C LYS A 312 8.44 -9.78 16.67
N SER A 313 7.39 -9.39 17.39
CA SER A 313 7.52 -8.72 18.67
C SER A 313 6.55 -9.33 19.68
N ASP A 314 6.70 -8.91 20.95
CA ASP A 314 5.84 -9.36 22.03
C ASP A 314 4.69 -8.39 22.35
N CYS A 315 4.65 -7.22 21.73
CA CYS A 315 3.56 -6.26 21.92
C CYS A 315 3.56 -5.15 20.86
N GLY B 1 11.00 -1.79 -15.31
CA GLY B 1 10.59 -2.25 -14.00
C GLY B 1 9.21 -1.74 -13.63
N ALA B 2 9.13 -1.06 -12.49
CA ALA B 2 7.86 -0.54 -11.97
C ALA B 2 8.04 0.89 -11.53
N ALA B 3 6.97 1.67 -11.65
CA ALA B 3 7.06 3.09 -11.32
C ALA B 3 7.35 3.31 -9.84
N ARG B 4 6.74 2.49 -8.97
CA ARG B 4 6.95 2.68 -7.53
C ARG B 4 8.40 2.45 -7.15
N SER B 5 9.02 1.43 -7.72
CA SER B 5 10.41 1.15 -7.45
C SER B 5 11.36 2.11 -8.18
N GLU B 6 10.83 2.98 -9.04
CA GLU B 6 11.64 4.02 -9.67
C GLU B 6 11.53 5.36 -8.95
N GLY B 7 10.40 5.64 -8.30
CA GLY B 7 10.23 6.85 -7.54
C GLY B 7 9.94 8.07 -8.40
N PHE B 8 9.86 9.22 -7.72
CA PHE B 8 9.58 10.51 -8.35
C PHE B 8 10.81 11.39 -8.24
N SER B 9 11.20 12.02 -9.35
CA SER B 9 12.28 13.00 -9.30
C SER B 9 11.75 14.35 -8.80
#